data_1Z74
#
_entry.id   1Z74
#
_cell.length_a   150.202
_cell.length_b   150.202
_cell.length_c   150.202
_cell.angle_alpha   90.00
_cell.angle_beta   90.00
_cell.angle_gamma   90.00
#
_symmetry.space_group_name_H-M   'P 41 3 2'
#
loop_
_entity.id
_entity.type
_entity.pdbx_description
1 polymer 'protein ArnA'
2 non-polymer 'SULFATE ION'
3 water water
#
_entity_poly.entity_id   1
_entity_poly.type   'polypeptide(L)'
_entity_poly.pdbx_seq_one_letter_code
;HGMSQPACTARRRTRVLILGVNGFIGNHLTERLLREDHYEVYGLDIGSDAISRFLNHPHFHFVEGDISIHSEWIEYHVKK
CDVVLPLVAIATPIEYTRNPLRVFELDFEENLRIIRYCVKYRKRIIFPSTSEVYGMCSDKYFDEDHSNLIVGPVNKPRWI
YSVSKQLLDRVIWAYGEKEGLQFTLFRPFNWMGPRLDNLNAARIGSSRAITQLILNLVEGSPIKLIDGGKQKRCFTDIRD
GIEALYRIIENAGNRCDGEIINIGNPENEASIEELGEMLLASFEKHPLRHHFPPFAGFRVVESSSYYGKGYQDVEHYKPS
IRNAHRCLDWEPKIDMQETIDETLDFFLRTVDLTDKPS
;
_entity_poly.pdbx_strand_id   A
#
loop_
_chem_comp.id
_chem_comp.type
_chem_comp.name
_chem_comp.formula
SO4 non-polymer 'SULFATE ION' 'O4 S -2'
#
# COMPACT_ATOMS: atom_id res chain seq x y z
N ARG A 13 -10.04 2.66 24.57
CA ARG A 13 -9.30 1.91 23.58
C ARG A 13 -8.42 2.82 22.70
N THR A 14 -7.56 2.19 21.92
CA THR A 14 -6.63 2.91 21.06
C THR A 14 -7.32 3.53 19.85
N ARG A 15 -7.10 4.82 19.69
CA ARG A 15 -7.67 5.58 18.61
C ARG A 15 -6.75 5.58 17.41
N VAL A 16 -7.24 4.97 16.34
CA VAL A 16 -6.48 4.86 15.10
C VAL A 16 -7.00 5.77 13.99
N LEU A 17 -6.16 6.73 13.61
CA LEU A 17 -6.50 7.70 12.58
C LEU A 17 -6.02 7.18 11.24
N ILE A 18 -6.95 6.84 10.35
CA ILE A 18 -6.54 6.37 9.03
C ILE A 18 -6.81 7.46 7.99
N LEU A 19 -5.76 8.15 7.53
CA LEU A 19 -5.94 9.19 6.50
C LEU A 19 -5.94 8.55 5.09
N GLY A 20 -7.08 8.61 4.42
CA GLY A 20 -7.19 8.01 3.09
C GLY A 20 -7.79 6.62 3.26
N VAL A 21 -8.78 6.55 4.15
CA VAL A 21 -9.44 5.30 4.45
C VAL A 21 -10.34 4.78 3.33
N ASN A 22 -10.73 5.63 2.40
CA ASN A 22 -11.64 5.17 1.35
C ASN A 22 -11.00 4.33 0.26
N GLY A 23 -10.38 3.21 0.65
CA GLY A 23 -9.74 2.35 -0.32
C GLY A 23 -9.33 0.99 0.21
N PHE A 24 -8.42 0.37 -0.53
CA PHE A 24 -7.89 -0.96 -0.28
C PHE A 24 -7.41 -1.20 1.15
N ILE A 25 -6.35 -0.49 1.55
CA ILE A 25 -5.85 -0.70 2.89
C ILE A 25 -6.83 -0.28 3.98
N GLY A 26 -7.46 0.88 3.79
CA GLY A 26 -8.40 1.36 4.79
C GLY A 26 -9.52 0.38 5.05
N ASN A 27 -9.98 -0.28 3.99
CA ASN A 27 -11.06 -1.23 4.12
C ASN A 27 -10.65 -2.47 4.90
N HIS A 28 -9.52 -3.06 4.53
CA HIS A 28 -9.02 -4.25 5.20
C HIS A 28 -8.46 -3.98 6.59
N LEU A 29 -7.79 -2.85 6.77
CA LEU A 29 -7.23 -2.55 8.06
C LEU A 29 -8.38 -2.27 9.02
N THR A 30 -9.43 -1.60 8.53
CA THR A 30 -10.56 -1.24 9.38
C THR A 30 -11.31 -2.47 9.83
N GLU A 31 -11.60 -3.36 8.87
CA GLU A 31 -12.29 -4.59 9.17
C GLU A 31 -11.53 -5.34 10.28
N ARG A 32 -10.22 -5.38 10.14
CA ARG A 32 -9.37 -6.04 11.11
C ARG A 32 -9.47 -5.41 12.49
N LEU A 33 -9.02 -4.17 12.62
CA LEU A 33 -9.09 -3.51 13.92
C LEU A 33 -10.43 -3.69 14.60
N LEU A 34 -11.51 -3.54 13.84
CA LEU A 34 -12.85 -3.66 14.38
C LEU A 34 -13.21 -5.08 14.85
N ARG A 35 -12.53 -6.08 14.30
CA ARG A 35 -12.77 -7.44 14.75
C ARG A 35 -12.28 -7.57 16.17
N GLU A 36 -11.28 -6.76 16.54
CA GLU A 36 -10.76 -6.77 17.90
C GLU A 36 -11.64 -5.86 18.77
N ASP A 37 -11.42 -5.85 20.07
CA ASP A 37 -12.26 -5.05 20.93
C ASP A 37 -11.60 -3.83 21.53
N HIS A 38 -10.38 -3.51 21.11
CA HIS A 38 -9.73 -2.38 21.75
C HIS A 38 -9.32 -1.24 20.82
N TYR A 39 -10.04 -1.08 19.68
CA TYR A 39 -9.67 0.00 18.77
C TYR A 39 -10.85 0.89 18.40
N GLU A 40 -10.54 2.17 18.30
CA GLU A 40 -11.52 3.13 17.84
C GLU A 40 -10.98 3.61 16.50
N VAL A 41 -11.77 3.50 15.42
CA VAL A 41 -11.22 3.87 14.12
C VAL A 41 -11.77 5.14 13.51
N TYR A 42 -10.89 6.11 13.29
CA TYR A 42 -11.25 7.36 12.68
C TYR A 42 -10.73 7.37 11.24
N GLY A 43 -11.58 7.04 10.29
CA GLY A 43 -11.17 7.01 8.89
C GLY A 43 -11.51 8.30 8.18
N LEU A 44 -10.49 9.05 7.80
CA LEU A 44 -10.68 10.33 7.12
C LEU A 44 -10.50 10.24 5.61
N ASP A 45 -11.42 10.85 4.87
CA ASP A 45 -11.36 10.86 3.41
C ASP A 45 -12.38 11.85 2.82
N ILE A 46 -12.44 11.94 1.50
CA ILE A 46 -13.37 12.85 0.82
C ILE A 46 -14.63 12.11 0.39
N GLY A 47 -14.60 10.79 0.51
CA GLY A 47 -15.74 9.95 0.15
C GLY A 47 -15.72 8.65 0.93
N SER A 48 -16.85 7.96 1.05
CA SER A 48 -16.88 6.72 1.82
C SER A 48 -17.44 5.50 1.06
N ASP A 49 -17.65 5.64 -0.24
CA ASP A 49 -18.20 4.58 -1.07
C ASP A 49 -17.52 3.24 -0.84
N ALA A 50 -16.22 3.24 -0.58
CA ALA A 50 -15.47 2.00 -0.39
C ALA A 50 -15.46 1.44 1.04
N ILE A 51 -16.02 2.16 2.00
CA ILE A 51 -16.03 1.65 3.37
C ILE A 51 -17.40 1.86 3.97
N SER A 52 -18.41 1.86 3.11
CA SER A 52 -19.77 2.06 3.55
C SER A 52 -20.19 1.01 4.56
N ARG A 53 -19.76 -0.22 4.35
CA ARG A 53 -20.14 -1.29 5.28
C ARG A 53 -19.78 -0.92 6.73
N PHE A 54 -18.88 0.03 6.92
CA PHE A 54 -18.46 0.41 8.28
C PHE A 54 -19.03 1.71 8.84
N LEU A 55 -19.69 2.51 8.02
CA LEU A 55 -20.24 3.79 8.48
C LEU A 55 -21.08 3.78 9.77
N ASN A 56 -22.02 2.86 9.86
CA ASN A 56 -22.89 2.77 11.03
C ASN A 56 -22.28 1.96 12.18
N HIS A 57 -21.05 1.49 12.02
CA HIS A 57 -20.42 0.71 13.09
C HIS A 57 -20.11 1.65 14.27
N PRO A 58 -20.41 1.19 15.49
CA PRO A 58 -20.21 1.92 16.75
C PRO A 58 -18.80 2.43 16.97
N HIS A 59 -17.81 1.68 16.52
CA HIS A 59 -16.43 2.11 16.75
C HIS A 59 -15.75 2.70 15.55
N PHE A 60 -16.54 3.03 14.54
CA PHE A 60 -15.98 3.66 13.37
C PHE A 60 -16.54 5.06 13.24
N HIS A 61 -15.71 5.99 12.78
CA HIS A 61 -16.12 7.36 12.61
C HIS A 61 -15.49 7.91 11.36
N PHE A 62 -16.32 8.19 10.37
CA PHE A 62 -15.88 8.77 9.14
C PHE A 62 -15.54 10.24 9.44
N VAL A 63 -14.51 10.78 8.83
CA VAL A 63 -14.20 12.19 9.04
C VAL A 63 -14.02 12.82 7.67
N GLU A 64 -14.95 13.71 7.31
CA GLU A 64 -14.84 14.45 6.07
C GLU A 64 -13.49 15.15 6.05
N GLY A 65 -12.73 15.02 4.96
CA GLY A 65 -11.43 15.73 4.94
C GLY A 65 -10.56 15.48 3.71
N ASP A 66 -9.56 16.34 3.56
CA ASP A 66 -8.59 16.29 2.47
C ASP A 66 -7.28 16.89 2.94
N ILE A 67 -6.20 16.12 2.89
CA ILE A 67 -4.88 16.57 3.43
C ILE A 67 -4.24 17.72 2.61
N SER A 68 -4.75 18.00 1.42
CA SER A 68 -4.21 19.09 0.64
C SER A 68 -4.93 20.36 0.98
N ILE A 69 -6.21 20.23 1.28
CA ILE A 69 -7.05 21.39 1.60
C ILE A 69 -7.12 21.72 3.08
N HIS A 70 -7.32 20.72 3.90
CA HIS A 70 -7.41 20.92 5.34
C HIS A 70 -6.04 21.00 5.97
N SER A 71 -5.94 21.83 6.98
CA SER A 71 -4.77 21.97 7.78
C SER A 71 -5.21 21.62 9.19
N GLU A 72 -5.88 22.58 9.82
CA GLU A 72 -6.42 22.54 11.18
C GLU A 72 -7.24 21.30 11.50
N TRP A 73 -8.21 21.02 10.65
CA TRP A 73 -9.10 19.87 10.84
C TRP A 73 -8.33 18.54 10.97
N ILE A 74 -7.22 18.44 10.26
CA ILE A 74 -6.43 17.23 10.32
C ILE A 74 -5.55 17.29 11.56
N GLU A 75 -4.91 18.43 11.79
CA GLU A 75 -4.08 18.57 12.98
C GLU A 75 -4.85 18.17 14.23
N TYR A 76 -6.14 18.52 14.25
CA TYR A 76 -7.03 18.22 15.36
C TYR A 76 -7.20 16.71 15.59
N HIS A 77 -7.39 15.94 14.52
CA HIS A 77 -7.57 14.48 14.68
C HIS A 77 -6.28 13.83 15.06
N VAL A 78 -5.16 14.36 14.60
CA VAL A 78 -3.86 13.83 15.02
C VAL A 78 -3.80 13.94 16.53
N LYS A 79 -4.12 15.12 17.05
CA LYS A 79 -4.09 15.31 18.50
C LYS A 79 -5.14 14.46 19.21
N LYS A 80 -6.32 14.34 18.63
CA LYS A 80 -7.39 13.55 19.24
C LYS A 80 -7.12 12.06 19.23
N CYS A 81 -6.21 11.59 18.40
CA CYS A 81 -6.01 10.14 18.34
C CYS A 81 -4.67 9.69 18.90
N ASP A 82 -4.39 8.39 18.79
CA ASP A 82 -3.15 7.83 19.30
C ASP A 82 -2.16 7.38 18.25
N VAL A 83 -2.66 6.75 17.20
CA VAL A 83 -1.81 6.26 16.13
C VAL A 83 -2.31 6.82 14.80
N VAL A 84 -1.39 7.26 13.96
CA VAL A 84 -1.76 7.84 12.67
C VAL A 84 -1.19 7.08 11.48
N LEU A 85 -2.04 6.81 10.50
CA LEU A 85 -1.67 6.09 9.28
C LEU A 85 -1.94 6.93 8.01
N PRO A 86 -0.93 7.67 7.51
CA PRO A 86 -1.11 8.50 6.31
C PRO A 86 -1.07 7.65 5.02
N LEU A 87 -2.22 7.37 4.42
CA LEU A 87 -2.29 6.55 3.21
C LEU A 87 -2.43 7.33 1.92
N VAL A 88 -2.60 8.63 2.02
CA VAL A 88 -2.78 9.44 0.84
C VAL A 88 -1.47 9.79 0.16
N ALA A 89 -1.36 9.34 -1.09
CA ALA A 89 -0.19 9.59 -1.95
C ALA A 89 -0.53 9.15 -3.37
N ILE A 90 0.07 9.79 -4.35
CA ILE A 90 -0.13 9.41 -5.72
C ILE A 90 0.87 8.32 -5.99
N ALA A 91 0.41 7.09 -6.16
CA ALA A 91 1.31 5.97 -6.41
C ALA A 91 1.03 5.30 -7.76
N THR A 92 1.04 6.10 -8.83
CA THR A 92 0.78 5.62 -10.18
C THR A 92 1.93 6.08 -11.11
N PRO A 93 2.79 5.13 -11.53
CA PRO A 93 3.94 5.38 -12.41
C PRO A 93 3.76 6.45 -13.48
N ILE A 94 2.88 6.22 -14.44
CA ILE A 94 2.65 7.21 -15.50
C ILE A 94 2.69 8.64 -14.93
N GLU A 95 2.12 8.82 -13.74
CA GLU A 95 2.07 10.11 -13.07
C GLU A 95 3.42 10.65 -12.63
N TYR A 96 4.31 9.77 -12.18
CA TYR A 96 5.64 10.17 -11.74
C TYR A 96 6.22 11.07 -12.82
N THR A 97 6.00 10.67 -14.07
CA THR A 97 6.55 11.39 -15.21
C THR A 97 5.60 12.42 -15.81
N ARG A 98 4.29 12.22 -15.65
CA ARG A 98 3.31 13.16 -16.21
C ARG A 98 3.19 14.44 -15.38
N ASN A 99 2.63 14.33 -14.18
CA ASN A 99 2.44 15.46 -13.28
C ASN A 99 3.40 15.30 -12.08
N PRO A 100 4.71 15.32 -12.31
CA PRO A 100 5.67 15.14 -11.23
C PRO A 100 5.55 16.15 -10.10
N LEU A 101 5.29 17.41 -10.42
CA LEU A 101 5.20 18.40 -9.38
C LEU A 101 4.03 18.14 -8.46
N ARG A 102 2.92 17.63 -9.02
CA ARG A 102 1.77 17.34 -8.17
C ARG A 102 2.08 16.14 -7.30
N VAL A 103 2.85 15.21 -7.84
CA VAL A 103 3.22 14.00 -7.10
C VAL A 103 4.14 14.38 -5.94
N PHE A 104 4.94 15.41 -6.13
CA PHE A 104 5.87 15.84 -5.08
C PHE A 104 5.17 16.64 -4.00
N GLU A 105 4.20 17.47 -4.40
CA GLU A 105 3.48 18.30 -3.44
C GLU A 105 2.62 17.48 -2.49
N LEU A 106 1.87 16.53 -3.03
CA LEU A 106 1.00 15.64 -2.29
C LEU A 106 1.78 14.65 -1.44
N ASP A 107 2.52 13.81 -2.14
CA ASP A 107 3.34 12.75 -1.57
C ASP A 107 4.35 13.24 -0.60
N PHE A 108 5.06 14.29 -0.99
CA PHE A 108 6.12 14.75 -0.09
C PHE A 108 5.68 15.87 0.86
N GLU A 109 5.35 17.04 0.31
CA GLU A 109 5.02 18.20 1.17
C GLU A 109 3.81 18.05 2.10
N GLU A 110 2.70 17.52 1.60
CA GLU A 110 1.52 17.42 2.44
C GLU A 110 1.64 16.36 3.51
N ASN A 111 2.44 15.31 3.25
CA ASN A 111 2.59 14.26 4.25
C ASN A 111 3.54 14.73 5.32
N LEU A 112 4.53 15.51 4.91
CA LEU A 112 5.49 16.08 5.81
C LEU A 112 4.77 16.89 6.90
N ARG A 113 3.67 17.54 6.53
CA ARG A 113 2.91 18.33 7.49
C ARG A 113 2.31 17.43 8.55
N ILE A 114 1.83 16.28 8.11
CA ILE A 114 1.21 15.31 8.98
C ILE A 114 2.24 14.66 9.89
N ILE A 115 3.43 14.42 9.34
CA ILE A 115 4.52 13.88 10.12
C ILE A 115 4.80 14.87 11.25
N ARG A 116 4.87 16.14 10.88
CA ARG A 116 5.16 17.18 11.85
C ARG A 116 4.08 17.33 12.91
N TYR A 117 2.80 17.15 12.55
CA TYR A 117 1.73 17.24 13.56
C TYR A 117 2.01 16.14 14.56
N CYS A 118 2.42 14.98 14.03
CA CYS A 118 2.73 13.83 14.86
C CYS A 118 3.87 14.08 15.84
N VAL A 119 4.95 14.73 15.40
CA VAL A 119 6.01 14.95 16.34
C VAL A 119 5.54 15.99 17.33
N LYS A 120 4.76 16.94 16.87
CA LYS A 120 4.31 18.01 17.76
C LYS A 120 3.38 17.55 18.88
N TYR A 121 2.51 16.58 18.60
CA TYR A 121 1.60 16.13 19.64
C TYR A 121 2.02 14.81 20.24
N ARG A 122 3.24 14.42 19.94
CA ARG A 122 3.82 13.17 20.46
C ARG A 122 2.99 11.93 20.16
N LYS A 123 2.50 11.82 18.92
CA LYS A 123 1.70 10.67 18.53
C LYS A 123 2.52 9.64 17.79
N ARG A 124 2.05 8.42 17.77
CA ARG A 124 2.74 7.37 17.03
C ARG A 124 2.34 7.44 15.56
N ILE A 125 3.34 7.35 14.68
CA ILE A 125 3.06 7.39 13.26
C ILE A 125 3.52 6.10 12.58
N ILE A 126 2.63 5.44 11.89
CA ILE A 126 2.92 4.25 11.12
C ILE A 126 2.84 4.72 9.66
N PHE A 127 4.01 4.89 9.06
CA PHE A 127 4.12 5.44 7.72
C PHE A 127 4.41 4.45 6.62
N PRO A 128 3.61 4.53 5.53
CA PRO A 128 3.86 3.62 4.40
C PRO A 128 4.96 4.16 3.54
N SER A 129 6.12 3.53 3.58
CA SER A 129 7.23 3.87 2.74
C SER A 129 6.97 3.13 1.43
N THR A 130 7.97 2.98 0.57
CA THR A 130 7.72 2.27 -0.68
C THR A 130 8.81 1.23 -0.93
N SER A 131 8.45 0.19 -1.66
CA SER A 131 9.41 -0.85 -2.02
C SER A 131 10.29 -0.29 -3.11
N GLU A 132 9.83 0.80 -3.74
CA GLU A 132 10.59 1.44 -4.82
C GLU A 132 11.83 2.18 -4.34
N VAL A 133 11.95 2.38 -3.03
CA VAL A 133 13.09 3.11 -2.51
C VAL A 133 14.41 2.37 -2.75
N TYR A 134 14.34 1.05 -2.93
CA TYR A 134 15.54 0.27 -3.15
C TYR A 134 16.15 0.54 -4.52
N GLY A 135 15.31 0.75 -5.50
CA GLY A 135 15.77 1.09 -6.83
C GLY A 135 16.50 -0.04 -7.55
N MET A 136 17.71 0.25 -8.04
CA MET A 136 18.48 -0.76 -8.75
C MET A 136 19.51 -1.42 -7.86
N CYS A 137 19.09 -1.65 -6.62
CA CYS A 137 19.90 -2.31 -5.61
C CYS A 137 20.24 -3.73 -6.06
N SER A 138 21.53 -4.07 -6.02
CA SER A 138 21.96 -5.39 -6.48
C SER A 138 21.64 -6.55 -5.54
N ASP A 139 21.36 -6.30 -4.27
CA ASP A 139 21.05 -7.40 -3.36
C ASP A 139 19.91 -8.27 -3.91
N LYS A 140 20.00 -9.58 -3.75
CA LYS A 140 18.91 -10.46 -4.21
C LYS A 140 17.70 -10.22 -3.36
N TYR A 141 17.95 -9.91 -2.10
CA TYR A 141 16.88 -9.62 -1.14
C TYR A 141 17.06 -8.22 -0.55
N PHE A 142 16.08 -7.35 -0.77
CA PHE A 142 16.20 -5.99 -0.25
C PHE A 142 16.06 -5.96 1.26
N ASP A 143 17.07 -5.39 1.90
CA ASP A 143 17.15 -5.30 3.34
C ASP A 143 16.98 -3.87 3.85
N GLU A 144 15.91 -3.65 4.60
CA GLU A 144 15.58 -2.35 5.15
C GLU A 144 16.74 -1.66 5.87
N ASP A 145 17.59 -2.45 6.53
CA ASP A 145 18.72 -1.92 7.30
C ASP A 145 20.09 -2.03 6.66
N HIS A 146 20.23 -2.74 5.56
CA HIS A 146 21.59 -2.88 5.00
C HIS A 146 21.72 -2.57 3.53
N SER A 147 20.68 -2.79 2.73
CA SER A 147 20.79 -2.55 1.31
C SER A 147 21.02 -1.10 0.93
N ASN A 148 21.88 -0.88 -0.06
CA ASN A 148 22.12 0.44 -0.55
C ASN A 148 20.98 0.78 -1.48
N LEU A 149 20.67 2.06 -1.63
CA LEU A 149 19.60 2.45 -2.51
C LEU A 149 20.23 3.03 -3.78
N ILE A 150 19.83 2.47 -4.94
CA ILE A 150 20.38 2.90 -6.23
C ILE A 150 19.32 3.49 -7.17
N VAL A 151 19.56 4.71 -7.65
CA VAL A 151 18.64 5.35 -8.60
C VAL A 151 19.46 5.94 -9.74
N GLY A 152 18.79 6.35 -10.81
CA GLY A 152 19.46 6.88 -11.97
C GLY A 152 19.80 8.35 -11.84
N PRO A 153 20.36 8.98 -12.90
CA PRO A 153 20.74 10.41 -12.90
C PRO A 153 19.52 11.29 -12.66
N VAL A 154 19.71 12.55 -12.29
CA VAL A 154 18.52 13.38 -12.05
C VAL A 154 17.74 13.62 -13.34
N ASN A 155 18.37 13.41 -14.49
CA ASN A 155 17.71 13.60 -15.78
C ASN A 155 16.82 12.45 -16.19
N LYS A 156 16.64 11.47 -15.30
CA LYS A 156 15.78 10.34 -15.56
C LYS A 156 14.64 10.40 -14.52
N PRO A 157 13.68 11.29 -14.81
CA PRO A 157 12.50 11.72 -14.02
C PRO A 157 11.64 10.67 -13.32
N ARG A 158 11.69 9.42 -13.78
CA ARG A 158 10.90 8.34 -13.19
C ARG A 158 11.23 8.11 -11.72
N TRP A 159 12.46 8.45 -11.33
CA TRP A 159 12.91 8.26 -9.95
C TRP A 159 12.42 9.28 -8.92
N ILE A 160 11.78 10.35 -9.36
CA ILE A 160 11.35 11.36 -8.41
C ILE A 160 10.45 10.81 -7.32
N TYR A 161 9.70 9.76 -7.63
CA TYR A 161 8.80 9.16 -6.65
C TYR A 161 9.63 8.48 -5.56
N SER A 162 10.48 7.55 -5.99
CA SER A 162 11.33 6.81 -5.08
C SER A 162 12.17 7.70 -4.19
N VAL A 163 12.85 8.67 -4.79
CA VAL A 163 13.71 9.54 -4.04
C VAL A 163 12.90 10.43 -3.12
N SER A 164 11.68 10.74 -3.51
CA SER A 164 10.88 11.58 -2.65
C SER A 164 10.48 10.82 -1.40
N LYS A 165 9.99 9.61 -1.59
CA LYS A 165 9.57 8.80 -0.46
C LYS A 165 10.78 8.52 0.43
N GLN A 166 11.93 8.34 -0.19
CA GLN A 166 13.17 8.07 0.53
C GLN A 166 13.54 9.25 1.43
N LEU A 167 13.51 10.46 0.88
CA LEU A 167 13.81 11.65 1.68
C LEU A 167 12.88 11.75 2.89
N LEU A 168 11.60 11.44 2.66
CA LEU A 168 10.65 11.48 3.76
C LEU A 168 11.11 10.49 4.85
N ASP A 169 11.38 9.26 4.44
CA ASP A 169 11.85 8.26 5.38
C ASP A 169 12.96 8.85 6.24
N ARG A 170 13.95 9.47 5.59
CA ARG A 170 15.08 10.07 6.29
C ARG A 170 14.68 11.16 7.30
N VAL A 171 13.68 11.97 6.93
CA VAL A 171 13.18 13.02 7.79
C VAL A 171 12.45 12.43 8.98
N ILE A 172 11.75 11.31 8.77
CA ILE A 172 11.04 10.67 9.87
C ILE A 172 12.10 10.12 10.81
N TRP A 173 13.11 9.52 10.25
CA TRP A 173 14.20 8.98 11.00
C TRP A 173 14.87 10.09 11.83
N ALA A 174 14.98 11.27 11.24
CA ALA A 174 15.60 12.39 11.95
C ALA A 174 14.76 12.82 13.14
N TYR A 175 13.43 12.88 12.97
CA TYR A 175 12.57 13.27 14.07
C TYR A 175 12.61 12.20 15.17
N GLY A 176 12.73 10.95 14.75
CA GLY A 176 12.80 9.87 15.71
C GLY A 176 14.09 9.96 16.50
N GLU A 177 15.15 10.38 15.83
CA GLU A 177 16.46 10.49 16.45
C GLU A 177 16.62 11.71 17.36
N LYS A 178 16.18 12.88 16.88
CA LYS A 178 16.38 14.13 17.61
C LYS A 178 15.14 14.68 18.34
N GLU A 179 13.97 14.07 18.17
CA GLU A 179 12.83 14.68 18.85
C GLU A 179 11.82 13.69 19.43
N GLY A 180 12.23 12.44 19.60
CA GLY A 180 11.35 11.47 20.21
C GLY A 180 10.12 11.05 19.46
N LEU A 181 10.10 11.27 18.15
CA LEU A 181 8.95 10.83 17.38
C LEU A 181 8.92 9.31 17.40
N GLN A 182 7.80 8.74 17.81
CA GLN A 182 7.69 7.28 17.83
C GLN A 182 7.15 6.88 16.47
N PHE A 183 7.76 5.90 15.83
CA PHE A 183 7.28 5.52 14.52
C PHE A 183 7.67 4.11 14.10
N THR A 184 7.13 3.73 12.95
CA THR A 184 7.37 2.47 12.31
C THR A 184 7.14 2.75 10.84
N LEU A 185 8.02 2.27 9.99
CA LEU A 185 7.87 2.47 8.56
C LEU A 185 7.61 1.11 7.97
N PHE A 186 6.69 1.02 7.02
CA PHE A 186 6.47 -0.25 6.35
C PHE A 186 6.52 -0.05 4.84
N ARG A 187 7.08 -1.06 4.17
CA ARG A 187 7.22 -1.03 2.74
C ARG A 187 6.49 -2.25 2.18
N PRO A 188 5.28 -2.05 1.66
CA PRO A 188 4.48 -3.14 1.10
C PRO A 188 4.90 -3.52 -0.31
N PHE A 189 5.05 -4.82 -0.55
CA PHE A 189 5.42 -5.30 -1.89
C PHE A 189 4.21 -5.89 -2.64
N ASN A 190 3.74 -5.11 -3.63
CA ASN A 190 2.63 -5.48 -4.50
C ASN A 190 1.49 -6.16 -3.77
N TRP A 191 0.86 -5.52 -2.81
CA TRP A 191 -0.24 -6.15 -2.15
C TRP A 191 -1.41 -6.35 -3.11
N MET A 192 -2.21 -7.39 -2.91
CA MET A 192 -3.37 -7.65 -3.75
C MET A 192 -4.44 -8.48 -3.04
N GLY A 193 -5.64 -8.42 -3.58
CA GLY A 193 -6.75 -9.15 -3.02
C GLY A 193 -8.01 -8.40 -3.35
N PRO A 194 -9.10 -8.66 -2.62
CA PRO A 194 -10.38 -7.99 -2.87
C PRO A 194 -10.35 -6.48 -2.63
N ARG A 195 -11.22 -5.77 -3.32
CA ARG A 195 -11.35 -4.32 -3.13
C ARG A 195 -10.08 -3.55 -3.40
N LEU A 196 -9.54 -3.79 -4.60
CA LEU A 196 -8.33 -3.13 -5.10
C LEU A 196 -8.58 -1.63 -5.22
N ASP A 197 -7.54 -0.82 -5.20
CA ASP A 197 -7.72 0.63 -5.34
C ASP A 197 -7.94 0.97 -6.81
N ASN A 198 -8.77 1.97 -7.10
CA ASN A 198 -8.96 2.35 -8.48
C ASN A 198 -7.60 2.77 -9.03
N LEU A 199 -7.30 2.34 -10.23
CA LEU A 199 -6.02 2.62 -10.87
C LEU A 199 -5.47 4.05 -10.72
N ASN A 200 -6.36 5.02 -10.63
CA ASN A 200 -5.91 6.40 -10.53
C ASN A 200 -6.19 7.04 -9.16
N ALA A 201 -6.50 6.22 -8.16
CA ALA A 201 -6.77 6.76 -6.84
C ALA A 201 -5.44 7.13 -6.18
N ALA A 202 -5.39 8.26 -5.48
CA ALA A 202 -4.14 8.67 -4.81
C ALA A 202 -4.14 8.14 -3.38
N ARG A 203 -4.35 6.84 -3.26
CA ARG A 203 -4.32 6.18 -1.97
C ARG A 203 -3.36 5.01 -2.09
N ILE A 204 -2.42 4.91 -1.19
CA ILE A 204 -1.42 3.83 -1.22
C ILE A 204 -2.04 2.48 -0.88
N GLY A 205 -1.61 1.40 -1.55
CA GLY A 205 -2.16 0.11 -1.19
C GLY A 205 -1.96 -1.09 -2.14
N SER A 206 -2.89 -1.22 -3.09
CA SER A 206 -2.90 -2.36 -4.01
C SER A 206 -2.01 -2.25 -5.25
N SER A 207 -1.37 -3.37 -5.61
CA SER A 207 -0.47 -3.39 -6.77
C SER A 207 -1.14 -2.94 -8.05
N ARG A 208 -0.65 -1.83 -8.61
CA ARG A 208 -1.21 -1.26 -9.83
C ARG A 208 -0.97 -2.16 -11.03
N ALA A 209 0.15 -2.87 -11.03
CA ALA A 209 0.47 -3.75 -12.13
C ALA A 209 -0.58 -4.84 -12.32
N ILE A 210 -0.91 -5.54 -11.24
CA ILE A 210 -1.88 -6.59 -11.40
C ILE A 210 -3.28 -6.02 -11.63
N THR A 211 -3.63 -4.87 -11.06
CA THR A 211 -4.98 -4.40 -11.33
C THR A 211 -5.07 -3.90 -12.79
N GLN A 212 -3.96 -3.52 -13.38
CA GLN A 212 -4.02 -3.08 -14.77
C GLN A 212 -4.32 -4.32 -15.65
N LEU A 213 -3.69 -5.44 -15.30
CA LEU A 213 -3.89 -6.68 -16.05
C LEU A 213 -5.32 -7.19 -15.96
N ILE A 214 -5.86 -7.25 -14.76
CA ILE A 214 -7.23 -7.68 -14.57
C ILE A 214 -8.10 -6.78 -15.40
N LEU A 215 -7.75 -5.50 -15.38
CA LEU A 215 -8.49 -4.53 -16.16
C LEU A 215 -8.45 -4.97 -17.61
N ASN A 216 -7.25 -5.33 -18.08
CA ASN A 216 -7.09 -5.79 -19.45
C ASN A 216 -8.07 -6.93 -19.72
N LEU A 217 -8.03 -7.95 -18.88
CA LEU A 217 -8.92 -9.07 -19.08
C LEU A 217 -10.37 -8.65 -19.06
N VAL A 218 -10.71 -7.71 -18.19
CA VAL A 218 -12.09 -7.29 -18.10
C VAL A 218 -12.55 -6.44 -19.30
N GLU A 219 -11.70 -5.55 -19.80
CA GLU A 219 -12.08 -4.67 -20.90
C GLU A 219 -11.82 -5.25 -22.29
N GLY A 220 -11.04 -6.31 -22.35
CA GLY A 220 -10.73 -6.89 -23.64
C GLY A 220 -9.55 -6.21 -24.27
N SER A 221 -8.76 -5.50 -23.48
CA SER A 221 -7.58 -4.88 -24.05
C SER A 221 -6.42 -5.85 -23.91
N PRO A 222 -5.40 -5.74 -24.72
CA PRO A 222 -4.28 -6.66 -24.59
C PRO A 222 -3.38 -6.32 -23.39
N ILE A 223 -2.54 -7.29 -23.01
CA ILE A 223 -1.61 -7.09 -21.92
C ILE A 223 -0.28 -6.67 -22.55
N LYS A 224 0.14 -5.44 -22.30
CA LYS A 224 1.40 -4.90 -22.84
C LYS A 224 2.59 -5.40 -22.06
N LEU A 225 3.60 -5.78 -22.84
CA LEU A 225 4.73 -6.39 -22.20
C LEU A 225 6.07 -5.78 -22.36
N ILE A 226 6.48 -5.10 -21.34
CA ILE A 226 7.88 -4.89 -21.35
C ILE A 226 8.27 -6.33 -20.97
N GLY A 229 7.49 -9.49 -21.28
CA GLY A 229 7.30 -8.88 -19.93
C GLY A 229 8.28 -9.53 -18.96
N LYS A 230 9.51 -8.97 -19.06
CA LYS A 230 10.82 -9.40 -18.41
C LYS A 230 11.08 -9.38 -16.89
N GLN A 231 11.08 -8.19 -16.29
CA GLN A 231 11.32 -8.01 -14.88
C GLN A 231 10.34 -8.81 -14.02
N LYS A 232 10.86 -9.42 -12.95
CA LYS A 232 10.05 -10.23 -12.05
C LYS A 232 9.69 -9.41 -10.79
N ARG A 233 8.60 -9.78 -10.12
CA ARG A 233 8.15 -9.08 -8.91
C ARG A 233 7.57 -10.02 -7.86
N CYS A 234 7.49 -9.53 -6.62
CA CYS A 234 6.93 -10.29 -5.52
C CYS A 234 5.55 -9.74 -5.19
N PHE A 235 4.60 -10.62 -5.00
CA PHE A 235 3.23 -10.22 -4.71
C PHE A 235 2.82 -10.74 -3.34
N THR A 236 1.95 -10.00 -2.66
CA THR A 236 1.54 -10.43 -1.32
C THR A 236 0.04 -10.41 -1.17
N ASP A 237 -0.55 -11.51 -0.69
CA ASP A 237 -1.99 -11.54 -0.47
C ASP A 237 -2.32 -10.54 0.64
N ILE A 238 -3.38 -9.77 0.47
CA ILE A 238 -3.79 -8.79 1.47
C ILE A 238 -4.06 -9.46 2.81
N ARG A 239 -4.48 -10.72 2.76
CA ARG A 239 -4.72 -11.50 3.98
C ARG A 239 -3.44 -11.54 4.81
N ASP A 240 -2.32 -11.81 4.14
CA ASP A 240 -1.05 -11.88 4.83
C ASP A 240 -0.51 -10.49 5.18
N GLY A 241 -0.66 -9.56 4.24
CA GLY A 241 -0.14 -8.22 4.41
C GLY A 241 -0.85 -7.44 5.51
N ILE A 242 -2.18 -7.47 5.52
CA ILE A 242 -2.90 -6.69 6.52
C ILE A 242 -2.64 -7.25 7.92
N GLU A 243 -2.44 -8.56 8.00
CA GLU A 243 -2.12 -9.23 9.28
C GLU A 243 -0.84 -8.61 9.82
N ALA A 244 0.13 -8.45 8.92
CA ALA A 244 1.38 -7.86 9.32
C ALA A 244 1.14 -6.44 9.81
N LEU A 245 0.49 -5.61 8.97
CA LEU A 245 0.22 -4.23 9.35
C LEU A 245 -0.46 -4.15 10.72
N TYR A 246 -1.42 -5.04 10.95
CA TYR A 246 -2.16 -5.07 12.21
C TYR A 246 -1.21 -5.30 13.38
N ARG A 247 -0.25 -6.19 13.20
CA ARG A 247 0.69 -6.44 14.29
C ARG A 247 1.57 -5.24 14.55
N ILE A 248 1.80 -4.41 13.53
CA ILE A 248 2.60 -3.19 13.72
C ILE A 248 1.80 -2.23 14.57
N ILE A 249 0.49 -2.24 14.39
CA ILE A 249 -0.34 -1.35 15.18
C ILE A 249 -0.34 -1.90 16.62
N GLU A 250 -0.39 -3.23 16.75
CA GLU A 250 -0.36 -3.90 18.06
C GLU A 250 0.91 -3.49 18.80
N ASN A 251 2.03 -3.50 18.07
CA ASN A 251 3.35 -3.17 18.59
C ASN A 251 3.73 -3.95 19.86
N ALA A 252 3.41 -5.23 19.90
CA ALA A 252 3.77 -6.05 21.06
C ALA A 252 5.19 -5.77 21.48
N GLY A 253 5.38 -5.61 22.79
CA GLY A 253 6.71 -5.36 23.35
C GLY A 253 7.38 -4.13 22.73
N ASN A 254 6.63 -3.33 21.97
CA ASN A 254 7.17 -2.13 21.33
C ASN A 254 8.34 -2.49 20.42
N ARG A 255 8.38 -3.74 19.96
CA ARG A 255 9.48 -4.17 19.10
C ARG A 255 9.51 -3.45 17.76
N CYS A 256 8.49 -2.64 17.48
CA CYS A 256 8.42 -1.94 16.19
C CYS A 256 8.92 -0.50 16.26
N ASP A 257 9.14 0.01 17.46
CA ASP A 257 9.59 1.39 17.55
C ASP A 257 10.92 1.63 16.83
N GLY A 258 10.91 2.57 15.89
CA GLY A 258 12.11 2.94 15.16
C GLY A 258 12.49 1.97 14.06
N GLU A 259 11.64 0.99 13.80
CA GLU A 259 11.90 -0.02 12.79
C GLU A 259 11.36 0.29 11.35
N ILE A 260 12.02 -0.30 10.36
CA ILE A 260 11.61 -0.16 8.97
C ILE A 260 11.31 -1.62 8.56
N ILE A 261 10.06 -1.90 8.20
CA ILE A 261 9.69 -3.28 7.88
C ILE A 261 9.12 -3.55 6.50
N ASN A 262 9.83 -4.31 5.69
CA ASN A 262 9.33 -4.75 4.39
C ASN A 262 8.14 -5.68 4.66
N ILE A 263 7.08 -5.60 3.87
CA ILE A 263 5.95 -6.53 4.06
C ILE A 263 5.57 -7.20 2.74
N GLY A 264 6.19 -8.33 2.45
CA GLY A 264 5.89 -9.05 1.22
C GLY A 264 6.17 -10.51 1.36
N ASN A 265 5.69 -11.24 0.41
CA ASN A 265 5.94 -12.68 0.38
C ASN A 265 6.99 -12.92 -0.69
N PRO A 266 8.26 -13.06 -0.27
CA PRO A 266 9.40 -13.27 -1.18
C PRO A 266 9.32 -14.57 -1.99
N GLU A 267 8.37 -15.45 -1.70
CA GLU A 267 8.28 -16.67 -2.50
C GLU A 267 7.40 -16.51 -3.73
N ASN A 268 6.48 -15.55 -3.73
CA ASN A 268 5.61 -15.34 -4.87
C ASN A 268 6.29 -14.49 -5.94
N GLU A 269 7.32 -15.03 -6.59
CA GLU A 269 8.02 -14.30 -7.65
C GLU A 269 7.35 -14.63 -8.99
N ALA A 270 7.27 -13.64 -9.87
CA ALA A 270 6.66 -13.83 -11.17
C ALA A 270 6.90 -12.60 -12.02
N SER A 271 7.11 -12.79 -13.32
CA SER A 271 7.29 -11.67 -14.23
C SER A 271 5.93 -11.18 -14.66
N ILE A 272 5.86 -10.03 -15.31
CA ILE A 272 4.60 -9.49 -15.80
C ILE A 272 3.85 -10.50 -16.64
N GLU A 273 4.60 -11.17 -17.53
CA GLU A 273 4.03 -12.18 -18.41
C GLU A 273 3.55 -13.43 -17.65
N GLU A 274 4.26 -13.80 -16.59
CA GLU A 274 3.89 -14.98 -15.82
C GLU A 274 2.66 -14.67 -15.00
N LEU A 275 2.63 -13.48 -14.41
CA LEU A 275 1.51 -13.03 -13.64
C LEU A 275 0.30 -13.07 -14.58
N GLY A 276 0.44 -12.44 -15.74
CA GLY A 276 -0.64 -12.43 -16.71
C GLY A 276 -1.11 -13.83 -17.06
N GLU A 277 -0.17 -14.71 -17.37
CA GLU A 277 -0.51 -16.09 -17.71
C GLU A 277 -1.34 -16.73 -16.61
N MET A 278 -0.98 -16.43 -15.37
CA MET A 278 -1.68 -16.97 -14.21
C MET A 278 -3.13 -16.46 -14.13
N LEU A 279 -3.29 -15.17 -14.37
CA LEU A 279 -4.61 -14.57 -14.32
C LEU A 279 -5.47 -15.13 -15.46
N LEU A 280 -4.87 -15.29 -16.64
CA LEU A 280 -5.61 -15.85 -17.77
C LEU A 280 -6.20 -17.20 -17.40
N ALA A 281 -5.35 -18.05 -16.82
CA ALA A 281 -5.77 -19.38 -16.43
C ALA A 281 -7.00 -19.32 -15.53
N SER A 282 -6.87 -18.63 -14.41
CA SER A 282 -7.96 -18.50 -13.44
C SER A 282 -9.17 -17.87 -14.10
N PHE A 283 -8.89 -16.97 -15.03
CA PHE A 283 -9.90 -16.27 -15.76
C PHE A 283 -10.71 -17.24 -16.62
N GLU A 284 -10.02 -18.02 -17.45
CA GLU A 284 -10.68 -18.98 -18.35
C GLU A 284 -11.48 -20.04 -17.61
N LYS A 285 -11.21 -20.24 -16.33
CA LYS A 285 -11.95 -21.23 -15.57
C LYS A 285 -13.03 -20.58 -14.72
N HIS A 286 -13.15 -19.26 -14.81
CA HIS A 286 -14.12 -18.53 -13.96
C HIS A 286 -15.57 -18.57 -14.45
N PRO A 287 -16.49 -18.80 -13.51
CA PRO A 287 -17.94 -18.84 -13.75
C PRO A 287 -18.48 -17.67 -14.55
N LEU A 288 -17.99 -16.47 -14.28
CA LEU A 288 -18.49 -15.30 -15.00
C LEU A 288 -17.70 -15.01 -16.30
N ARG A 289 -16.85 -15.93 -16.69
CA ARG A 289 -16.02 -15.70 -17.88
C ARG A 289 -16.76 -15.21 -19.12
N HIS A 290 -17.93 -15.79 -19.38
CA HIS A 290 -18.67 -15.41 -20.55
C HIS A 290 -19.16 -13.96 -20.57
N HIS A 291 -19.07 -13.28 -19.45
CA HIS A 291 -19.53 -11.90 -19.39
C HIS A 291 -18.45 -10.91 -19.81
N PHE A 292 -17.27 -11.44 -20.14
CA PHE A 292 -16.13 -10.58 -20.52
C PHE A 292 -15.65 -10.85 -21.91
N PRO A 293 -15.17 -9.82 -22.60
CA PRO A 293 -14.64 -9.98 -23.98
C PRO A 293 -13.57 -11.06 -24.07
N PRO A 294 -13.35 -11.59 -25.25
CA PRO A 294 -12.30 -12.55 -25.44
C PRO A 294 -10.95 -11.89 -25.19
N PHE A 295 -10.00 -12.68 -24.71
CA PHE A 295 -8.65 -12.20 -24.42
C PHE A 295 -7.98 -11.57 -25.63
N ALA A 296 -7.61 -10.30 -25.53
CA ALA A 296 -6.99 -9.60 -26.64
C ALA A 296 -5.55 -10.06 -26.95
N GLY A 297 -4.94 -10.79 -26.02
CA GLY A 297 -3.58 -11.30 -26.26
C GLY A 297 -2.45 -10.48 -25.63
N PHE A 298 -1.21 -10.85 -25.96
CA PHE A 298 -0.03 -10.16 -25.42
C PHE A 298 0.68 -9.25 -26.43
N ARG A 299 0.60 -7.94 -26.24
CA ARG A 299 1.27 -7.00 -27.16
C ARG A 299 2.62 -6.56 -26.59
N VAL A 300 3.68 -7.01 -27.25
CA VAL A 300 5.05 -6.69 -26.85
C VAL A 300 5.22 -5.18 -26.60
N GLU A 315 15.15 -6.23 -12.76
CA GLU A 315 16.29 -7.09 -12.49
C GLU A 315 15.91 -8.22 -11.51
N HIS A 316 16.06 -7.91 -10.22
CA HIS A 316 15.82 -8.82 -9.10
C HIS A 316 14.52 -8.45 -8.34
N TYR A 317 14.62 -7.65 -7.28
CA TYR A 317 13.44 -7.16 -6.54
C TYR A 317 12.73 -8.10 -5.57
N LYS A 318 13.47 -8.71 -4.63
CA LYS A 318 12.81 -9.54 -3.59
C LYS A 318 13.05 -8.85 -2.24
N PRO A 319 12.06 -8.89 -1.32
CA PRO A 319 12.28 -8.28 -0.04
C PRO A 319 12.82 -9.24 0.99
N SER A 320 13.60 -8.70 1.91
CA SER A 320 14.04 -9.51 3.00
C SER A 320 12.90 -9.31 4.01
N ILE A 321 12.46 -10.37 4.68
CA ILE A 321 11.38 -10.19 5.64
C ILE A 321 11.81 -10.55 7.07
N ARG A 322 13.12 -10.49 7.30
CA ARG A 322 13.64 -10.78 8.64
C ARG A 322 13.03 -9.83 9.67
N ASN A 323 13.05 -8.53 9.39
CA ASN A 323 12.49 -7.57 10.32
C ASN A 323 11.05 -7.92 10.67
N ALA A 324 10.31 -8.45 9.70
CA ALA A 324 8.93 -8.80 9.95
C ALA A 324 8.92 -9.99 10.91
N HIS A 325 9.81 -10.96 10.66
CA HIS A 325 9.93 -12.12 11.53
C HIS A 325 10.22 -11.69 12.93
N ARG A 326 11.28 -10.91 13.06
CA ARG A 326 11.72 -10.43 14.35
C ARG A 326 10.68 -9.60 15.11
N CYS A 327 10.19 -8.54 14.50
CA CYS A 327 9.25 -7.66 15.16
C CYS A 327 7.84 -8.18 15.25
N LEU A 328 7.45 -9.04 14.33
CA LEU A 328 6.06 -9.47 14.34
C LEU A 328 5.78 -10.94 14.42
N ASP A 329 6.85 -11.78 14.39
CA ASP A 329 6.62 -13.22 14.39
C ASP A 329 5.65 -13.47 13.27
N TRP A 330 5.91 -12.82 12.14
CA TRP A 330 5.05 -12.90 10.98
C TRP A 330 5.68 -13.65 9.84
N GLU A 331 4.87 -14.33 9.10
CA GLU A 331 5.32 -15.15 8.01
C GLU A 331 4.14 -15.35 7.10
N PRO A 332 4.28 -15.03 5.81
CA PRO A 332 3.16 -15.19 4.87
C PRO A 332 2.71 -16.64 4.76
N LYS A 333 1.40 -16.84 4.79
CA LYS A 333 0.81 -18.18 4.74
C LYS A 333 0.05 -18.57 3.47
N ILE A 334 -0.75 -17.68 2.89
CA ILE A 334 -1.55 -18.00 1.69
C ILE A 334 -0.68 -18.36 0.46
N ASP A 335 -1.09 -19.43 -0.22
CA ASP A 335 -0.42 -19.89 -1.44
C ASP A 335 -0.77 -18.96 -2.59
N MET A 336 0.21 -18.72 -3.46
CA MET A 336 0.02 -17.80 -4.57
C MET A 336 -1.22 -18.05 -5.45
N GLN A 337 -1.51 -19.31 -5.76
CA GLN A 337 -2.66 -19.61 -6.61
C GLN A 337 -3.91 -19.08 -5.95
N GLU A 338 -4.00 -19.32 -4.65
CA GLU A 338 -5.13 -18.92 -3.84
C GLU A 338 -5.37 -17.41 -3.89
N THR A 339 -4.28 -16.67 -3.90
CA THR A 339 -4.35 -15.22 -3.97
C THR A 339 -4.83 -14.84 -5.38
N ILE A 340 -4.22 -15.43 -6.39
CA ILE A 340 -4.62 -15.14 -7.75
C ILE A 340 -6.12 -15.37 -7.96
N ASP A 341 -6.61 -16.55 -7.62
CA ASP A 341 -8.01 -16.81 -7.83
C ASP A 341 -8.91 -15.86 -7.07
N GLU A 342 -8.60 -15.62 -5.81
CA GLU A 342 -9.45 -14.75 -5.02
C GLU A 342 -9.50 -13.29 -5.46
N THR A 343 -8.34 -12.71 -5.76
CA THR A 343 -8.30 -11.31 -6.18
C THR A 343 -9.14 -11.14 -7.45
N LEU A 344 -8.97 -12.08 -8.38
CA LEU A 344 -9.68 -12.03 -9.65
C LEU A 344 -11.16 -12.26 -9.47
N ASP A 345 -11.49 -13.31 -8.73
CA ASP A 345 -12.87 -13.66 -8.48
C ASP A 345 -13.62 -12.46 -7.93
N PHE A 346 -13.16 -11.95 -6.79
CA PHE A 346 -13.83 -10.82 -6.17
C PHE A 346 -14.02 -9.69 -7.14
N PHE A 347 -12.98 -9.41 -7.93
CA PHE A 347 -13.05 -8.34 -8.92
C PHE A 347 -14.14 -8.56 -9.96
N LEU A 348 -14.21 -9.77 -10.51
CA LEU A 348 -15.19 -10.07 -11.54
C LEU A 348 -16.61 -9.98 -11.00
N ARG A 349 -16.81 -10.54 -9.81
CA ARG A 349 -18.14 -10.51 -9.22
C ARG A 349 -18.60 -9.10 -8.80
N THR A 350 -17.65 -8.19 -8.65
CA THR A 350 -17.96 -6.84 -8.22
C THR A 350 -18.17 -5.91 -9.39
N VAL A 351 -17.72 -6.31 -10.57
CA VAL A 351 -17.87 -5.50 -11.77
C VAL A 351 -19.34 -5.13 -12.05
N ASP A 352 -19.59 -3.86 -12.36
CA ASP A 352 -20.97 -3.44 -12.69
C ASP A 352 -21.16 -3.70 -14.18
N LEU A 353 -21.80 -4.82 -14.52
CA LEU A 353 -22.03 -5.22 -15.90
C LEU A 353 -22.98 -4.31 -16.67
N THR A 354 -23.65 -3.41 -15.94
CA THR A 354 -24.60 -2.48 -16.55
C THR A 354 -24.31 -1.04 -16.10
S SO4 B . 19.88 -7.02 11.30
O1 SO4 B . 21.22 -6.57 11.75
O2 SO4 B . 19.88 -7.00 9.83
O3 SO4 B . 19.60 -8.39 11.76
O4 SO4 B . 18.85 -6.10 11.84
#